data_8V05
#
_entry.id   8V05
#
_cell.length_a   94.163
_cell.length_b   94.163
_cell.length_c   109.369
_cell.angle_alpha   90.00
_cell.angle_beta   90.00
_cell.angle_gamma   120.00
#
_symmetry.space_group_name_H-M   'P 32 2 1'
#
loop_
_entity.id
_entity.type
_entity.pdbx_description
1 polymer "5'-3' exonuclease PLD3"
2 branched beta-D-mannopyranose-(1-4)-2-acetamido-2-deoxy-beta-D-glucopyranose-(1-4)-2-acetamido-2-deoxy-beta-D-glucopyranose
3 branched 2-acetamido-2-deoxy-beta-D-glucopyranose-(1-4)-2-acetamido-2-deoxy-beta-D-glucopyranose
4 branched alpha-D-mannopyranose-(1-3)-[alpha-D-mannopyranose-(1-6)]alpha-D-mannopyranose-(1-6)-[alpha-D-mannopyranose-(1-3)]beta-D-mannopyranose-(1-4)-2-acetamido-2-deoxy-beta-D-glucopyranose-(1-4)-2-acetamido-2-deoxy-beta-D-glucopyranose
5 non-polymer 1,2-ETHANEDIOL
6 non-polymer 'ACETATE ION'
7 non-polymer CYSTEINE
8 non-polymer 'L(+)-TARTARIC ACID'
9 water water
#
_entity_poly.entity_id   1
_entity_poly.type   'polypeptide(L)'
_entity_poly.pdbx_seq_one_letter_code
;HHHHHHGPLVDVASNEQKLISEEDLASMTGGQQMGRDIEGRGDLHLFGPNQRPAPCYDPCEAVLVESIPEGLEFPNATTS
NPSTSQAWLGLLAGAHSSLDIASFYWTLTNNDTHTQEPSAQQGEEVLQQLQALAPRGVKVRIAVSKPNGPLADLQSLLQS
GAQVRMVDMQKLTHGVLHTKFWVVDQTHFYLGSANMDWRSLTQVKELGVVMYNCSCLARDLTKIFEAYWFLGQAGSSIPS
TWPRSFDTRYNQETPMEICLNGTPALAYLASAPPPLCPSGRTPDLKALLNVVDSARSFIYIAVMNYLPTMEFSHPRRFWP
AIDDGLRRAAYERGVKVRLLISCWGHSDPSMRSFLLSLAALHDNHTHSDIQVKLFVVPTDESQARIPYARVNHNKYMVTE
RASYIGTSNWSGSYFTETAGTSLLVTQNGHGGLRSQLEAVFLRDWESPYSHDLDTSANSVGNACRLL
;
_entity_poly.pdbx_strand_id   A
#
loop_
_chem_comp.id
_chem_comp.type
_chem_comp.name
_chem_comp.formula
ACT non-polymer 'ACETATE ION' 'C2 H3 O2 -1'
BMA D-saccharide, beta linking beta-D-mannopyranose 'C6 H12 O6'
EDO non-polymer 1,2-ETHANEDIOL 'C2 H6 O2'
MAN D-saccharide, alpha linking alpha-D-mannopyranose 'C6 H12 O6'
NAG D-saccharide, beta linking 2-acetamido-2-deoxy-beta-D-glucopyranose 'C8 H15 N O6'
TLA non-polymer 'L(+)-TARTARIC ACID' 'C4 H6 O6'
#
# COMPACT_ATOMS: atom_id res chain seq x y z
N GLY A 42 -3.64 17.32 -25.62
CA GLY A 42 -2.51 18.08 -26.10
C GLY A 42 -2.29 17.92 -27.59
N ASP A 43 -2.50 19.00 -28.33
CA ASP A 43 -2.47 18.96 -29.79
C ASP A 43 -1.40 19.85 -30.40
N LEU A 44 -0.61 20.55 -29.59
CA LEU A 44 0.47 21.43 -30.06
C LEU A 44 -0.10 22.71 -30.68
N HIS A 45 -1.42 22.76 -30.86
CA HIS A 45 -2.09 23.96 -31.35
C HIS A 45 -3.26 24.37 -30.48
N LEU A 46 -3.78 23.47 -29.65
CA LEU A 46 -4.73 23.83 -28.60
C LEU A 46 -4.06 24.00 -27.25
N PHE A 47 -2.92 23.35 -27.02
CA PHE A 47 -2.25 23.40 -25.73
C PHE A 47 -0.74 23.57 -25.83
N GLY A 48 -0.17 23.63 -27.04
CA GLY A 48 1.23 23.87 -27.19
C GLY A 48 2.08 22.65 -26.90
N PRO A 49 3.29 22.84 -26.35
CA PRO A 49 4.19 21.70 -26.12
C PRO A 49 3.65 20.69 -25.12
N ASN A 50 2.46 20.93 -24.56
CA ASN A 50 1.86 20.03 -23.58
C ASN A 50 1.06 18.97 -24.32
N GLN A 51 1.77 17.96 -24.81
CA GLN A 51 1.16 16.85 -25.52
C GLN A 51 0.64 15.81 -24.51
N ARG A 52 -0.67 15.58 -24.52
CA ARG A 52 -1.24 14.58 -23.63
C ARG A 52 -0.92 13.18 -24.16
N PRO A 53 -0.34 12.29 -23.35
CA PRO A 53 0.07 10.99 -23.87
C PRO A 53 -1.13 10.19 -24.39
N ALA A 54 -0.81 9.07 -25.03
CA ALA A 54 -1.84 8.26 -25.65
C ALA A 54 -2.77 7.67 -24.59
N PRO A 55 -4.07 7.62 -24.86
CA PRO A 55 -4.98 6.94 -23.92
C PRO A 55 -4.84 5.43 -23.99
N CYS A 56 -5.31 4.77 -22.94
CA CYS A 56 -5.34 3.31 -22.87
C CYS A 56 -6.73 2.82 -23.22
N TYR A 57 -6.81 1.83 -24.11
CA TYR A 57 -8.08 1.29 -24.57
C TYR A 57 -8.37 -0.08 -23.98
N ASP A 58 -7.54 -0.57 -23.06
CA ASP A 58 -7.81 -1.85 -22.42
C ASP A 58 -9.02 -1.73 -21.50
N PRO A 59 -9.80 -2.81 -21.35
CA PRO A 59 -10.98 -2.76 -20.45
C PRO A 59 -10.59 -2.97 -18.99
N CYS A 60 -9.90 -1.98 -18.43
CA CYS A 60 -9.43 -2.07 -17.07
C CYS A 60 -10.59 -2.27 -16.10
N GLU A 61 -10.40 -3.17 -15.12
CA GLU A 61 -11.37 -3.34 -14.05
C GLU A 61 -10.64 -3.46 -12.72
N ALA A 62 -11.01 -2.64 -11.76
CA ALA A 62 -10.36 -2.61 -10.45
C ALA A 62 -11.25 -3.25 -9.40
N VAL A 63 -10.65 -4.11 -8.57
CA VAL A 63 -11.34 -4.78 -7.49
C VAL A 63 -10.59 -4.49 -6.20
N LEU A 64 -11.29 -3.96 -5.21
CA LEU A 64 -10.73 -3.85 -3.86
C LEU A 64 -10.66 -5.25 -3.24
N VAL A 65 -9.51 -5.57 -2.65
CA VAL A 65 -9.30 -6.86 -2.00
C VAL A 65 -8.81 -6.62 -0.58
N GLU A 66 -9.43 -7.29 0.38
CA GLU A 66 -9.12 -7.11 1.79
C GLU A 66 -8.77 -8.44 2.43
N SER A 67 -7.90 -8.37 3.42
CA SER A 67 -7.70 -9.45 4.37
C SER A 67 -8.37 -9.04 5.67
N ILE A 68 -9.36 -9.83 6.09
CA ILE A 68 -10.08 -9.63 7.34
C ILE A 68 -9.61 -10.70 8.32
N PRO A 69 -8.91 -10.35 9.40
CA PRO A 69 -8.34 -11.38 10.27
C PRO A 69 -9.43 -12.27 10.87
N GLU A 70 -9.01 -13.46 11.27
CA GLU A 70 -9.95 -14.44 11.82
C GLU A 70 -10.56 -13.91 13.12
N GLY A 71 -11.88 -13.76 13.12
CA GLY A 71 -12.61 -13.31 14.28
C GLY A 71 -13.27 -11.96 14.14
N LEU A 72 -12.93 -11.18 13.10
CA LEU A 72 -13.51 -9.87 12.90
C LEU A 72 -14.79 -10.00 12.08
N GLU A 73 -15.89 -9.49 12.62
CA GLU A 73 -17.18 -9.51 11.94
C GLU A 73 -17.72 -8.09 11.87
N PHE A 74 -18.43 -7.79 10.79
CA PHE A 74 -19.02 -6.47 10.57
C PHE A 74 -20.52 -6.62 10.38
N PRO A 75 -21.33 -6.32 11.40
CA PRO A 75 -22.79 -6.49 11.27
C PRO A 75 -23.36 -5.97 9.97
N ASN A 76 -23.15 -4.69 9.64
CA ASN A 76 -23.83 -4.13 8.48
C ASN A 76 -23.10 -4.45 7.17
N ALA A 77 -21.97 -3.77 6.93
CA ALA A 77 -21.10 -4.04 5.79
C ALA A 77 -21.88 -4.57 4.60
N THR A 78 -22.87 -3.81 4.12
CA THR A 78 -23.83 -4.35 3.16
C THR A 78 -23.17 -5.07 1.99
N THR A 79 -21.90 -4.79 1.72
CA THR A 79 -21.14 -5.49 0.71
C THR A 79 -19.79 -5.91 1.26
N SER A 80 -19.24 -6.98 0.68
CA SER A 80 -17.93 -7.49 1.07
C SER A 80 -17.04 -7.57 -0.17
N ASN A 81 -15.74 -7.54 0.07
CA ASN A 81 -14.76 -7.58 -1.00
C ASN A 81 -14.07 -8.93 -1.06
N PRO A 82 -13.58 -9.35 -2.22
CA PRO A 82 -12.84 -10.61 -2.30
C PRO A 82 -11.61 -10.57 -1.40
N SER A 83 -11.29 -11.71 -0.80
CA SER A 83 -10.13 -11.80 0.07
C SER A 83 -8.84 -11.72 -0.76
N THR A 84 -7.76 -11.30 -0.09
CA THR A 84 -6.48 -11.25 -0.76
C THR A 84 -6.05 -12.64 -1.23
N SER A 85 -6.32 -13.66 -0.42
CA SER A 85 -5.92 -15.01 -0.78
C SER A 85 -6.56 -15.45 -2.09
N GLN A 86 -7.87 -15.25 -2.23
CA GLN A 86 -8.55 -15.74 -3.42
C GLN A 86 -8.17 -14.93 -4.65
N ALA A 87 -7.97 -13.62 -4.49
CA ALA A 87 -7.50 -12.81 -5.62
C ALA A 87 -6.12 -13.28 -6.08
N TRP A 88 -5.21 -13.51 -5.12
CA TRP A 88 -3.88 -13.99 -5.48
C TRP A 88 -3.95 -15.36 -6.15
N LEU A 89 -4.78 -16.25 -5.62
CA LEU A 89 -4.89 -17.59 -6.20
C LEU A 89 -5.46 -17.53 -7.61
N GLY A 90 -6.46 -16.68 -7.84
CA GLY A 90 -6.98 -16.51 -9.19
C GLY A 90 -5.93 -15.97 -10.14
N LEU A 91 -5.16 -14.98 -9.69
CA LEU A 91 -4.10 -14.44 -10.54
C LEU A 91 -3.07 -15.51 -10.89
N LEU A 92 -2.68 -16.32 -9.91
CA LEU A 92 -1.73 -17.40 -10.18
C LEU A 92 -2.33 -18.44 -11.14
N ALA A 93 -3.59 -18.77 -10.96
CA ALA A 93 -4.24 -19.76 -11.83
C ALA A 93 -4.29 -19.25 -13.27
N GLY A 94 -4.57 -17.97 -13.47
CA GLY A 94 -4.63 -17.44 -14.81
C GLY A 94 -3.29 -17.09 -15.44
N ALA A 95 -2.22 -17.08 -14.66
CA ALA A 95 -0.92 -16.65 -15.17
C ALA A 95 -0.42 -17.61 -16.23
N HIS A 96 0.06 -17.06 -17.35
N HIS A 96 0.06 -17.06 -17.35
CA HIS A 96 0.57 -17.86 -18.46
CA HIS A 96 0.57 -17.85 -18.46
C HIS A 96 1.91 -17.40 -19.00
C HIS A 96 1.91 -17.40 -18.99
N SER A 97 2.33 -16.16 -18.75
CA SER A 97 3.58 -15.63 -19.30
C SER A 97 4.59 -15.19 -18.24
N SER A 98 4.17 -14.41 -17.25
CA SER A 98 5.15 -13.82 -16.35
C SER A 98 4.51 -13.39 -15.04
N LEU A 99 5.32 -13.38 -13.99
CA LEU A 99 4.94 -12.83 -12.71
C LEU A 99 6.14 -12.11 -12.11
N ASP A 100 5.94 -10.84 -11.76
CA ASP A 100 6.94 -10.05 -11.03
C ASP A 100 6.36 -9.69 -9.67
N ILE A 101 7.13 -9.94 -8.62
CA ILE A 101 6.70 -9.61 -7.27
C ILE A 101 7.75 -8.71 -6.62
N ALA A 102 7.32 -7.55 -6.17
CA ALA A 102 8.10 -6.72 -5.27
C ALA A 102 7.62 -7.00 -3.85
N SER A 103 8.57 -7.30 -2.95
CA SER A 103 8.24 -7.84 -1.65
C SER A 103 9.20 -7.32 -0.59
N PHE A 104 8.73 -7.31 0.65
CA PHE A 104 9.51 -6.94 1.82
C PHE A 104 10.12 -8.15 2.52
N TYR A 105 9.32 -9.20 2.72
CA TYR A 105 9.80 -10.43 3.35
C TYR A 105 8.87 -11.57 2.94
N TRP A 106 9.31 -12.79 3.20
CA TRP A 106 8.55 -13.99 2.85
C TRP A 106 8.46 -14.91 4.07
N THR A 107 7.24 -15.03 4.65
CA THR A 107 6.95 -16.09 5.62
C THR A 107 5.57 -16.65 5.26
N LEU A 108 5.54 -17.60 4.33
CA LEU A 108 4.29 -18.17 3.86
C LEU A 108 3.94 -19.50 4.52
N THR A 109 4.82 -20.05 5.35
CA THR A 109 4.63 -21.36 5.92
C THR A 109 4.75 -21.31 7.44
N ASN A 110 4.17 -22.31 8.09
CA ASN A 110 4.32 -22.45 9.54
C ASN A 110 5.77 -22.66 9.92
N ASN A 111 6.53 -23.40 9.09
CA ASN A 111 7.95 -23.58 9.36
C ASN A 111 8.67 -22.23 9.43
N ASP A 112 8.26 -21.28 8.58
CA ASP A 112 8.89 -19.98 8.59
C ASP A 112 8.73 -19.28 9.94
N THR A 113 7.53 -19.36 10.52
CA THR A 113 7.23 -18.67 11.77
C THR A 113 7.43 -19.54 13.00
N HIS A 114 7.88 -20.80 12.83
CA HIS A 114 8.08 -21.71 13.95
C HIS A 114 6.79 -21.92 14.74
N THR A 115 5.67 -21.99 14.03
CA THR A 115 4.36 -22.19 14.64
C THR A 115 3.68 -23.39 14.00
N GLN A 116 2.45 -23.65 14.44
CA GLN A 116 1.61 -24.69 13.87
C GLN A 116 0.17 -24.20 13.99
N GLU A 117 -0.30 -23.54 12.93
CA GLU A 117 -1.61 -22.93 12.95
C GLU A 117 -2.41 -23.37 11.73
N PRO A 118 -3.67 -23.74 11.89
CA PRO A 118 -4.48 -24.00 10.68
C PRO A 118 -4.54 -22.79 9.77
N SER A 119 -4.74 -21.59 10.32
CA SER A 119 -4.97 -20.42 9.49
C SER A 119 -3.79 -20.09 8.57
N ALA A 120 -2.66 -20.78 8.71
CA ALA A 120 -1.53 -20.56 7.81
C ALA A 120 -1.74 -21.19 6.44
N GLN A 121 -2.65 -22.17 6.34
CA GLN A 121 -2.86 -22.91 5.11
C GLN A 121 -2.69 -22.02 3.87
N GLN A 122 -3.37 -20.87 3.88
CA GLN A 122 -3.54 -20.14 2.64
C GLN A 122 -2.20 -19.67 2.11
N GLY A 123 -1.37 -19.10 2.99
CA GLY A 123 -0.03 -18.75 2.58
C GLY A 123 0.68 -19.95 1.97
N GLU A 124 0.65 -21.07 2.68
CA GLU A 124 1.24 -22.29 2.14
C GLU A 124 0.63 -22.63 0.79
N GLU A 125 -0.70 -22.60 0.69
CA GLU A 125 -1.34 -22.84 -0.60
C GLU A 125 -0.78 -21.87 -1.63
N VAL A 126 -0.72 -20.59 -1.27
CA VAL A 126 -0.15 -19.60 -2.19
C VAL A 126 1.24 -20.04 -2.60
N LEU A 127 2.09 -20.36 -1.62
CA LEU A 127 3.43 -20.79 -1.95
C LEU A 127 3.39 -21.96 -2.92
N GLN A 128 2.54 -22.95 -2.63
CA GLN A 128 2.44 -24.11 -3.52
C GLN A 128 2.19 -23.65 -4.95
N GLN A 129 1.16 -22.83 -5.15
CA GLN A 129 0.82 -22.42 -6.50
C GLN A 129 1.98 -21.65 -7.13
N LEU A 130 2.68 -20.85 -6.33
CA LEU A 130 3.83 -20.11 -6.86
C LEU A 130 4.86 -21.06 -7.42
N GLN A 131 5.15 -22.15 -6.69
CA GLN A 131 6.17 -23.08 -7.16
C GLN A 131 5.75 -23.78 -8.45
N ALA A 132 4.46 -23.75 -8.78
CA ALA A 132 3.99 -24.37 -10.01
C ALA A 132 4.13 -23.46 -11.22
N LEU A 133 4.53 -22.20 -11.04
CA LEU A 133 4.55 -21.26 -12.16
C LEU A 133 5.70 -21.54 -13.12
N ALA A 134 6.93 -21.49 -12.61
CA ALA A 134 8.09 -21.69 -13.48
C ALA A 134 8.10 -23.04 -14.17
N PRO A 135 7.79 -24.16 -13.50
CA PRO A 135 7.83 -25.46 -14.20
C PRO A 135 6.93 -25.53 -15.42
N ARG A 136 5.84 -24.78 -15.45
CA ARG A 136 4.91 -24.82 -16.59
C ARG A 136 5.15 -23.67 -17.57
N GLY A 137 6.21 -22.89 -17.38
CA GLY A 137 6.64 -21.91 -18.37
C GLY A 137 6.42 -20.46 -18.01
N VAL A 138 5.98 -20.15 -16.80
CA VAL A 138 5.79 -18.76 -16.38
C VAL A 138 7.13 -18.23 -15.89
N LYS A 139 7.59 -17.13 -16.50
CA LYS A 139 8.81 -16.48 -16.03
C LYS A 139 8.51 -15.71 -14.75
N VAL A 140 9.16 -16.11 -13.66
CA VAL A 140 8.93 -15.54 -12.34
C VAL A 140 10.17 -14.77 -11.91
N ARG A 141 9.98 -13.52 -11.51
CA ARG A 141 11.05 -12.68 -10.97
C ARG A 141 10.57 -12.11 -9.64
N ILE A 142 11.38 -12.26 -8.60
CA ILE A 142 11.00 -11.85 -7.26
C ILE A 142 12.10 -10.96 -6.70
N ALA A 143 11.75 -9.70 -6.40
CA ALA A 143 12.66 -8.77 -5.75
C ALA A 143 12.27 -8.66 -4.28
N VAL A 144 13.24 -8.87 -3.40
CA VAL A 144 13.00 -8.89 -1.96
C VAL A 144 14.06 -8.04 -1.27
N SER A 145 13.64 -7.32 -0.23
CA SER A 145 14.58 -6.60 0.60
C SER A 145 15.60 -7.57 1.20
N LYS A 146 16.87 -7.16 1.22
CA LYS A 146 17.93 -8.01 1.74
C LYS A 146 17.55 -8.57 3.10
N PRO A 147 17.34 -9.88 3.22
CA PRO A 147 16.94 -10.45 4.50
C PRO A 147 18.13 -10.64 5.44
N ASN A 148 17.81 -10.86 6.70
CA ASN A 148 18.82 -11.14 7.74
C ASN A 148 19.01 -12.65 7.91
N GLY A 149 19.29 -13.34 6.81
CA GLY A 149 19.47 -14.77 6.81
C GLY A 149 18.74 -15.43 5.66
N PRO A 150 19.14 -16.66 5.32
CA PRO A 150 18.47 -17.35 4.20
C PRO A 150 16.99 -17.55 4.46
N LEU A 151 16.20 -17.44 3.38
CA LEU A 151 14.75 -17.55 3.45
C LEU A 151 14.31 -18.84 2.76
N ALA A 152 13.47 -19.62 3.44
CA ALA A 152 13.07 -20.93 2.93
C ALA A 152 12.22 -20.80 1.68
N ASP A 153 11.19 -19.93 1.70
CA ASP A 153 10.28 -19.82 0.57
C ASP A 153 11.04 -19.47 -0.70
N LEU A 154 11.99 -18.53 -0.61
CA LEU A 154 12.71 -18.09 -1.80
C LEU A 154 13.65 -19.18 -2.31
N GLN A 155 14.26 -19.96 -1.41
CA GLN A 155 15.08 -21.07 -1.87
C GLN A 155 14.24 -22.11 -2.60
N SER A 156 13.06 -22.42 -2.05
CA SER A 156 12.18 -23.38 -2.73
C SER A 156 11.75 -22.85 -4.09
N LEU A 157 11.42 -21.56 -4.17
CA LEU A 157 11.02 -20.98 -5.45
C LEU A 157 12.17 -20.96 -6.44
N LEU A 158 13.40 -20.73 -5.95
CA LEU A 158 14.57 -20.79 -6.82
C LEU A 158 14.75 -22.20 -7.37
N GLN A 159 14.54 -23.22 -6.53
CA GLN A 159 14.61 -24.58 -7.02
C GLN A 159 13.49 -24.87 -8.03
N SER A 160 12.34 -24.20 -7.87
CA SER A 160 11.24 -24.38 -8.81
C SER A 160 11.52 -23.71 -10.16
N GLY A 161 12.52 -22.83 -10.24
CA GLY A 161 12.88 -22.17 -11.48
C GLY A 161 12.64 -20.67 -11.49
N ALA A 162 12.08 -20.11 -10.43
CA ALA A 162 11.89 -18.67 -10.36
C ALA A 162 13.21 -17.94 -10.12
N GLN A 163 13.30 -16.72 -10.64
CA GLN A 163 14.44 -15.85 -10.37
C GLN A 163 14.16 -15.02 -9.13
N VAL A 164 15.18 -14.90 -8.27
CA VAL A 164 15.07 -14.15 -7.03
C VAL A 164 16.29 -13.24 -6.91
N ARG A 165 16.05 -11.98 -6.57
CA ARG A 165 17.12 -11.03 -6.35
C ARG A 165 16.86 -10.28 -5.04
N MET A 166 17.90 -10.13 -4.24
CA MET A 166 17.83 -9.42 -2.97
C MET A 166 18.38 -8.01 -3.17
N VAL A 167 17.58 -7.01 -2.80
CA VAL A 167 17.93 -5.61 -3.00
C VAL A 167 18.38 -5.05 -1.65
N ASP A 168 19.61 -4.54 -1.61
CA ASP A 168 20.17 -3.96 -0.38
C ASP A 168 19.96 -2.45 -0.45
N MET A 169 18.74 -2.02 -0.10
CA MET A 169 18.43 -0.60 -0.08
C MET A 169 19.11 0.13 1.06
N GLN A 170 19.53 -0.57 2.12
CA GLN A 170 20.24 0.09 3.20
C GLN A 170 21.52 0.72 2.68
N LYS A 171 22.26 -0.01 1.84
CA LYS A 171 23.54 0.48 1.34
C LYS A 171 23.37 1.59 0.30
N LEU A 172 22.19 1.69 -0.33
CA LEU A 172 21.96 2.65 -1.40
C LEU A 172 21.31 3.95 -0.89
N THR A 173 20.27 3.83 -0.06
CA THR A 173 19.50 4.98 0.37
C THR A 173 19.25 5.01 1.88
N HIS A 174 19.76 4.04 2.63
CA HIS A 174 19.50 3.86 4.06
C HIS A 174 18.09 3.35 4.33
N GLY A 175 17.33 3.02 3.29
CA GLY A 175 15.99 2.48 3.44
C GLY A 175 15.96 0.99 3.14
N VAL A 176 14.73 0.48 3.01
CA VAL A 176 14.51 -0.93 2.72
C VAL A 176 13.52 -1.04 1.57
N LEU A 177 13.50 -2.22 0.95
CA LEU A 177 12.55 -2.52 -0.13
C LEU A 177 11.23 -2.93 0.53
N HIS A 178 10.41 -1.93 0.83
CA HIS A 178 9.15 -2.13 1.53
C HIS A 178 7.97 -2.36 0.60
N THR A 179 8.16 -2.21 -0.70
CA THR A 179 7.05 -2.28 -1.65
C THR A 179 6.47 -3.68 -1.71
N LYS A 180 5.15 -3.77 -1.87
CA LYS A 180 4.45 -5.02 -2.07
C LYS A 180 3.56 -4.87 -3.31
N PHE A 181 3.94 -5.52 -4.42
CA PHE A 181 3.02 -5.56 -5.55
C PHE A 181 3.34 -6.75 -6.44
N TRP A 182 2.33 -7.15 -7.21
CA TRP A 182 2.41 -8.20 -8.20
C TRP A 182 2.07 -7.64 -9.57
N VAL A 183 2.83 -8.04 -10.59
CA VAL A 183 2.47 -7.79 -11.98
C VAL A 183 2.37 -9.14 -12.69
N VAL A 184 1.22 -9.40 -13.30
CA VAL A 184 0.90 -10.70 -13.90
C VAL A 184 0.71 -10.51 -15.40
N ASP A 185 1.54 -11.21 -16.18
CA ASP A 185 1.42 -11.25 -17.64
C ASP A 185 1.39 -9.86 -18.25
N GLN A 186 2.01 -8.89 -17.58
CA GLN A 186 2.01 -7.50 -18.05
C GLN A 186 0.58 -7.03 -18.35
N THR A 187 -0.38 -7.60 -17.65
CA THR A 187 -1.79 -7.27 -17.86
C THR A 187 -2.53 -6.96 -16.58
N HIS A 188 -2.24 -7.67 -15.49
CA HIS A 188 -2.90 -7.46 -14.21
C HIS A 188 -1.86 -7.03 -13.19
N PHE A 189 -2.32 -6.41 -12.11
CA PHE A 189 -1.40 -6.16 -11.01
C PHE A 189 -2.16 -5.99 -9.71
N TYR A 190 -1.51 -6.42 -8.62
CA TYR A 190 -1.97 -6.17 -7.27
C TYR A 190 -1.06 -5.15 -6.62
N LEU A 191 -1.66 -4.15 -5.98
CA LEU A 191 -0.92 -3.16 -5.21
C LEU A 191 -1.65 -2.97 -3.89
N GLY A 192 -0.95 -3.15 -2.77
CA GLY A 192 -1.59 -3.06 -1.49
C GLY A 192 -0.62 -3.29 -0.35
N SER A 193 -1.17 -3.53 0.83
CA SER A 193 -0.39 -3.67 2.05
C SER A 193 -0.01 -5.11 2.37
N ALA A 194 -0.63 -6.09 1.74
CA ALA A 194 -0.37 -7.48 2.08
C ALA A 194 1.05 -7.88 1.70
N ASN A 195 1.78 -8.41 2.68
CA ASN A 195 3.11 -8.96 2.43
C ASN A 195 3.00 -10.42 2.01
N MET A 196 4.13 -10.97 1.58
CA MET A 196 4.21 -12.40 1.25
C MET A 196 4.31 -13.21 2.54
N ASP A 197 3.23 -13.13 3.32
CA ASP A 197 3.20 -13.64 4.68
C ASP A 197 1.84 -14.28 4.91
N TRP A 198 1.83 -15.53 5.40
CA TRP A 198 0.55 -16.19 5.61
C TRP A 198 -0.32 -15.44 6.60
N ARG A 199 0.31 -14.80 7.60
CA ARG A 199 -0.44 -13.96 8.53
C ARG A 199 -1.23 -12.90 7.78
N SER A 200 -0.59 -12.24 6.81
CA SER A 200 -1.26 -11.20 6.01
C SER A 200 -2.57 -11.68 5.43
N LEU A 201 -2.78 -12.99 5.33
CA LEU A 201 -4.01 -13.51 4.75
C LEU A 201 -5.09 -13.76 5.79
N THR A 202 -4.72 -14.24 6.98
CA THR A 202 -5.71 -14.72 7.93
C THR A 202 -5.67 -14.04 9.30
N GLN A 203 -4.55 -13.42 9.67
CA GLN A 203 -4.40 -12.87 11.01
C GLN A 203 -4.02 -11.39 11.04
N VAL A 204 -3.83 -10.76 9.88
CA VAL A 204 -3.50 -9.35 9.80
C VAL A 204 -4.42 -8.70 8.77
N LYS A 205 -5.06 -7.60 9.16
CA LYS A 205 -5.99 -6.93 8.26
C LYS A 205 -5.21 -6.17 7.19
N GLU A 206 -5.61 -6.36 5.94
CA GLU A 206 -4.91 -5.76 4.81
C GLU A 206 -5.92 -5.17 3.84
N LEU A 207 -5.47 -4.16 3.09
CA LEU A 207 -6.27 -3.59 2.01
C LEU A 207 -5.38 -3.40 0.79
N GLY A 208 -5.96 -3.66 -0.39
CA GLY A 208 -5.24 -3.48 -1.63
C GLY A 208 -6.20 -3.46 -2.79
N VAL A 209 -5.64 -3.35 -3.99
CA VAL A 209 -6.43 -3.32 -5.21
C VAL A 209 -5.78 -4.24 -6.23
N VAL A 210 -6.62 -4.98 -6.96
CA VAL A 210 -6.19 -5.75 -8.12
C VAL A 210 -6.80 -5.09 -9.36
N MET A 211 -5.95 -4.68 -10.28
CA MET A 211 -6.36 -4.12 -11.56
C MET A 211 -6.19 -5.21 -12.61
N TYR A 212 -7.30 -5.58 -13.25
CA TYR A 212 -7.35 -6.58 -14.29
C TYR A 212 -7.46 -5.92 -15.66
N ASN A 213 -6.89 -6.58 -16.67
CA ASN A 213 -7.09 -6.22 -18.07
C ASN A 213 -6.74 -4.76 -18.32
N CYS A 214 -5.59 -4.34 -17.78
CA CYS A 214 -5.13 -2.96 -17.83
C CYS A 214 -3.65 -2.91 -18.22
N SER A 215 -3.31 -3.55 -19.35
CA SER A 215 -1.91 -3.78 -19.69
C SER A 215 -1.08 -2.51 -19.68
N CYS A 216 -1.65 -1.36 -20.07
CA CYS A 216 -0.87 -0.12 -20.05
C CYS A 216 -0.32 0.17 -18.65
N LEU A 217 -1.21 0.17 -17.65
CA LEU A 217 -0.80 0.45 -16.28
C LEU A 217 0.09 -0.66 -15.74
N ALA A 218 -0.15 -1.92 -16.15
CA ALA A 218 0.70 -3.01 -15.70
C ALA A 218 2.14 -2.82 -16.17
N ARG A 219 2.32 -2.46 -17.44
CA ARG A 219 3.67 -2.20 -17.95
CA ARG A 219 3.67 -2.21 -17.94
C ARG A 219 4.30 -1.00 -17.25
N ASP A 220 3.50 0.04 -16.98
CA ASP A 220 4.00 1.18 -16.23
C ASP A 220 4.54 0.76 -14.86
N LEU A 221 3.81 -0.10 -14.16
CA LEU A 221 4.28 -0.61 -12.87
C LEU A 221 5.53 -1.47 -13.04
N THR A 222 5.59 -2.24 -14.12
CA THR A 222 6.77 -3.05 -14.40
C THR A 222 8.01 -2.18 -14.49
N LYS A 223 7.87 -0.93 -14.91
CA LYS A 223 9.05 -0.05 -14.93
C LYS A 223 9.64 0.13 -13.52
N ILE A 224 8.79 0.36 -12.53
CA ILE A 224 9.26 0.44 -11.14
C ILE A 224 9.90 -0.88 -10.72
N PHE A 225 9.22 -1.99 -11.06
CA PHE A 225 9.82 -3.28 -10.72
C PHE A 225 11.21 -3.40 -11.31
N GLU A 226 11.40 -2.94 -12.55
CA GLU A 226 12.70 -3.05 -13.21
C GLU A 226 13.74 -2.21 -12.50
N ALA A 227 13.34 -1.05 -11.95
CA ALA A 227 14.27 -0.34 -11.08
C ALA A 227 14.76 -1.25 -9.95
N TYR A 228 13.81 -1.90 -9.26
CA TYR A 228 14.20 -2.82 -8.20
C TYR A 228 15.11 -3.93 -8.72
N TRP A 229 14.74 -4.52 -9.86
CA TRP A 229 15.45 -5.67 -10.41
C TRP A 229 16.88 -5.29 -10.77
N PHE A 230 17.07 -4.13 -11.39
CA PHE A 230 18.41 -3.66 -11.70
C PHE A 230 19.22 -3.47 -10.43
N LEU A 231 18.63 -2.85 -9.41
CA LEU A 231 19.39 -2.62 -8.19
C LEU A 231 19.64 -3.90 -7.39
N GLY A 232 18.98 -5.01 -7.74
CA GLY A 232 19.16 -6.25 -7.03
C GLY A 232 20.40 -7.03 -7.42
N GLN A 233 21.17 -6.54 -8.38
CA GLN A 233 22.39 -7.21 -8.81
C GLN A 233 23.55 -6.90 -7.86
N ALA A 234 24.70 -7.48 -8.15
CA ALA A 234 25.88 -7.30 -7.32
C ALA A 234 26.71 -6.14 -7.87
N GLY A 235 26.92 -5.11 -7.05
CA GLY A 235 27.73 -3.99 -7.46
C GLY A 235 27.01 -2.91 -8.25
N SER A 236 25.69 -3.00 -8.39
CA SER A 236 24.94 -1.95 -9.06
C SER A 236 24.71 -0.78 -8.12
N SER A 237 24.69 0.42 -8.70
CA SER A 237 24.42 1.64 -7.96
C SER A 237 23.33 2.43 -8.69
N ILE A 238 22.65 3.29 -7.95
CA ILE A 238 21.58 4.10 -8.50
C ILE A 238 22.18 5.06 -9.52
N PRO A 239 21.73 5.06 -10.77
CA PRO A 239 22.23 6.06 -11.73
C PRO A 239 21.73 7.45 -11.38
N SER A 240 22.55 8.45 -11.68
CA SER A 240 22.12 9.83 -11.48
C SER A 240 20.90 10.16 -12.33
N THR A 241 20.86 9.62 -13.54
CA THR A 241 19.68 9.72 -14.41
C THR A 241 19.37 8.33 -14.92
N TRP A 242 18.17 7.85 -14.66
CA TRP A 242 17.78 6.51 -15.09
C TRP A 242 17.65 6.47 -16.61
N PRO A 243 18.01 5.36 -17.26
CA PRO A 243 17.78 5.25 -18.71
C PRO A 243 16.32 5.49 -19.07
N ARG A 244 16.07 5.84 -20.33
CA ARG A 244 14.72 6.22 -20.75
C ARG A 244 13.72 5.08 -20.58
N SER A 245 14.20 3.82 -20.64
CA SER A 245 13.30 2.69 -20.50
C SER A 245 12.56 2.69 -19.16
N PHE A 246 13.11 3.36 -18.15
CA PHE A 246 12.44 3.46 -16.85
C PHE A 246 11.48 4.63 -16.77
N ASP A 247 11.63 5.64 -17.63
CA ASP A 247 10.82 6.84 -17.53
C ASP A 247 9.39 6.57 -17.97
N THR A 248 8.49 7.46 -17.55
CA THR A 248 7.07 7.31 -17.83
C THR A 248 6.48 8.66 -18.19
N ARG A 249 5.44 8.63 -19.02
CA ARG A 249 4.69 9.82 -19.39
C ARG A 249 3.42 9.99 -18.56
N TYR A 250 3.13 9.05 -17.66
CA TYR A 250 1.87 9.02 -16.92
C TYR A 250 2.18 9.38 -15.48
N ASN A 251 1.69 10.54 -15.05
CA ASN A 251 2.07 11.10 -13.76
C ASN A 251 0.98 12.08 -13.32
N GLN A 252 1.27 12.86 -12.28
CA GLN A 252 0.29 13.79 -11.73
C GLN A 252 -0.13 14.83 -12.77
N GLU A 253 0.83 15.33 -13.55
CA GLU A 253 0.52 16.36 -14.52
C GLU A 253 -0.29 15.82 -15.69
N THR A 254 0.07 14.63 -16.18
CA THR A 254 -0.61 13.99 -17.30
C THR A 254 -0.92 12.55 -16.91
N PRO A 255 -1.97 12.33 -16.13
CA PRO A 255 -2.32 10.96 -15.75
C PRO A 255 -2.81 10.16 -16.95
N MET A 256 -2.69 8.85 -16.84
CA MET A 256 -3.17 7.96 -17.89
C MET A 256 -4.69 7.97 -17.93
N GLU A 257 -5.25 8.20 -19.11
CA GLU A 257 -6.68 8.06 -19.33
C GLU A 257 -6.99 6.59 -19.57
N ILE A 258 -7.83 6.00 -18.73
CA ILE A 258 -8.18 4.60 -18.84
C ILE A 258 -9.69 4.47 -18.83
N CYS A 259 -10.16 3.32 -19.30
CA CYS A 259 -11.56 2.92 -19.16
C CYS A 259 -11.62 1.97 -17.97
N LEU A 260 -12.04 2.48 -16.82
CA LEU A 260 -12.15 1.71 -15.60
C LEU A 260 -13.61 1.32 -15.39
N ASN A 261 -13.88 0.02 -15.41
CA ASN A 261 -15.24 -0.49 -15.22
C ASN A 261 -16.22 0.19 -16.17
N GLY A 262 -15.80 0.37 -17.42
CA GLY A 262 -16.66 0.95 -18.42
C GLY A 262 -16.86 2.45 -18.32
N THR A 263 -16.10 3.14 -17.46
CA THR A 263 -16.22 4.58 -17.30
C THR A 263 -14.85 5.23 -17.40
N PRO A 264 -14.74 6.41 -18.03
CA PRO A 264 -13.44 7.07 -18.09
C PRO A 264 -12.91 7.38 -16.70
N ALA A 265 -11.59 7.26 -16.54
CA ALA A 265 -10.94 7.61 -15.29
C ALA A 265 -9.50 8.01 -15.58
N LEU A 266 -8.88 8.70 -14.62
CA LEU A 266 -7.49 9.10 -14.70
C LEU A 266 -6.72 8.36 -13.60
N ALA A 267 -5.62 7.72 -13.98
CA ALA A 267 -4.87 6.92 -13.02
C ALA A 267 -3.38 7.11 -13.25
N TYR A 268 -2.61 7.00 -12.17
CA TYR A 268 -1.16 6.91 -12.32
C TYR A 268 -0.56 6.27 -11.07
N LEU A 269 0.71 5.89 -11.20
CA LEU A 269 1.45 5.20 -10.15
C LEU A 269 2.62 6.07 -9.71
N ALA A 270 2.70 6.31 -8.41
CA ALA A 270 3.79 7.09 -7.81
C ALA A 270 4.75 6.16 -7.10
N SER A 271 6.00 6.62 -6.96
CA SER A 271 7.10 5.78 -6.53
C SER A 271 7.96 6.51 -5.51
N ALA A 272 8.59 5.72 -4.64
CA ALA A 272 9.54 6.22 -3.65
C ALA A 272 10.66 5.20 -3.52
N PRO A 273 11.88 5.65 -3.14
CA PRO A 273 12.27 7.02 -2.80
C PRO A 273 12.66 7.86 -4.03
N PRO A 274 12.86 9.16 -3.84
CA PRO A 274 13.09 10.06 -4.99
C PRO A 274 14.23 9.59 -5.88
N PRO A 275 15.33 9.08 -5.32
CA PRO A 275 16.43 8.63 -6.19
C PRO A 275 16.04 7.53 -7.16
N LEU A 276 14.96 6.80 -6.91
CA LEU A 276 14.49 5.76 -7.81
C LEU A 276 13.46 6.27 -8.81
N CYS A 277 13.09 7.55 -8.77
CA CYS A 277 12.08 8.10 -9.68
C CYS A 277 12.76 8.76 -10.86
N PRO A 278 12.51 8.32 -12.10
CA PRO A 278 12.90 9.12 -13.26
C PRO A 278 12.13 10.44 -13.29
N SER A 279 12.52 11.31 -14.21
CA SER A 279 11.97 12.66 -14.22
C SER A 279 10.47 12.67 -14.41
N GLY A 280 9.92 11.72 -15.18
CA GLY A 280 8.51 11.66 -15.43
C GLY A 280 7.68 10.95 -14.37
N ARG A 281 8.30 10.35 -13.37
CA ARG A 281 7.60 9.55 -12.37
C ARG A 281 7.32 10.40 -11.15
N THR A 282 6.04 10.49 -10.77
CA THR A 282 5.65 11.30 -9.62
C THR A 282 6.14 10.64 -8.33
N PRO A 283 6.85 11.37 -7.47
CA PRO A 283 7.20 10.81 -6.16
C PRO A 283 5.96 10.55 -5.32
N ASP A 284 6.03 9.49 -4.51
CA ASP A 284 4.88 9.09 -3.70
C ASP A 284 4.38 10.24 -2.83
N LEU A 285 5.31 10.97 -2.20
CA LEU A 285 4.90 12.05 -1.30
C LEU A 285 4.14 13.14 -2.05
N LYS A 286 4.62 13.50 -3.25
CA LYS A 286 3.94 14.53 -4.02
C LYS A 286 2.53 14.09 -4.41
N ALA A 287 2.36 12.83 -4.80
CA ALA A 287 1.03 12.33 -5.13
C ALA A 287 0.10 12.38 -3.93
N LEU A 288 0.59 11.89 -2.78
CA LEU A 288 -0.20 11.90 -1.56
C LEU A 288 -0.63 13.33 -1.20
N LEU A 289 0.33 14.26 -1.23
CA LEU A 289 0.02 15.64 -0.85
C LEU A 289 -0.88 16.32 -1.86
N ASN A 290 -0.79 15.94 -3.14
CA ASN A 290 -1.72 16.50 -4.11
C ASN A 290 -3.14 16.02 -3.83
N VAL A 291 -3.31 14.75 -3.46
CA VAL A 291 -4.64 14.28 -3.06
C VAL A 291 -5.12 15.07 -1.85
N VAL A 292 -4.23 15.28 -0.87
CA VAL A 292 -4.62 16.01 0.34
C VAL A 292 -5.05 17.43 0.00
N ASP A 293 -4.22 18.14 -0.78
CA ASP A 293 -4.47 19.54 -1.09
C ASP A 293 -5.64 19.74 -2.03
N SER A 294 -5.98 18.74 -2.84
CA SER A 294 -7.09 18.88 -3.77
C SER A 294 -8.45 18.59 -3.14
N ALA A 295 -8.47 17.96 -1.96
CA ALA A 295 -9.73 17.61 -1.33
C ALA A 295 -10.49 18.87 -0.91
N ARG A 296 -11.79 18.89 -1.19
CA ARG A 296 -12.66 20.00 -0.81
C ARG A 296 -13.74 19.62 0.19
N SER A 297 -14.02 18.33 0.38
CA SER A 297 -15.07 17.91 1.31
C SER A 297 -14.51 17.12 2.49
N PHE A 298 -13.81 16.01 2.25
CA PHE A 298 -13.32 15.19 3.36
C PHE A 298 -12.06 14.46 2.94
N ILE A 299 -11.31 14.03 3.96
CA ILE A 299 -10.10 13.23 3.79
C ILE A 299 -10.16 12.11 4.83
N TYR A 300 -10.29 10.87 4.38
CA TYR A 300 -10.29 9.71 5.26
C TYR A 300 -8.99 8.94 5.03
N ILE A 301 -8.23 8.72 6.09
CA ILE A 301 -6.94 8.07 6.02
C ILE A 301 -6.92 6.90 6.99
N ALA A 302 -6.52 5.72 6.51
CA ALA A 302 -6.31 4.56 7.35
C ALA A 302 -4.90 4.03 7.09
N VAL A 303 -4.03 4.15 8.08
CA VAL A 303 -2.64 3.73 7.98
C VAL A 303 -2.22 3.13 9.30
N MET A 304 -1.41 2.06 9.25
CA MET A 304 -1.01 1.38 10.47
C MET A 304 -0.23 2.31 11.39
N ASN A 305 0.71 3.07 10.84
CA ASN A 305 1.52 4.01 11.61
C ASN A 305 1.45 5.38 10.95
N TYR A 306 1.29 6.41 11.77
CA TYR A 306 1.35 7.79 11.32
C TYR A 306 2.29 8.55 12.25
N LEU A 307 3.39 9.05 11.71
CA LEU A 307 4.38 9.74 12.51
C LEU A 307 4.96 10.91 11.73
N PRO A 308 4.77 12.17 12.19
CA PRO A 308 5.39 13.33 11.53
C PRO A 308 6.88 13.48 11.86
N THR A 309 7.61 12.39 11.70
CA THR A 309 9.03 12.36 12.05
C THR A 309 9.75 11.41 11.10
N MET A 310 11.06 11.55 11.04
CA MET A 310 11.94 10.51 10.52
C MET A 310 12.14 9.52 11.67
N GLU A 311 11.26 8.52 11.72
CA GLU A 311 11.27 7.53 12.79
C GLU A 311 12.69 7.09 13.10
N PHE A 312 13.46 6.87 12.05
CA PHE A 312 14.86 6.46 12.04
C PHE A 312 15.75 7.70 11.90
N SER A 313 16.98 7.51 11.41
CA SER A 313 17.96 8.60 11.36
C SER A 313 18.33 9.01 12.77
N HIS A 314 19.14 8.17 13.43
CA HIS A 314 19.52 8.26 14.84
C HIS A 314 19.59 9.71 15.31
N PRO A 315 20.18 10.66 14.55
CA PRO A 315 19.88 12.06 14.81
C PRO A 315 18.47 12.37 14.31
N ARG A 316 17.51 12.43 15.22
CA ARG A 316 16.11 12.42 14.82
C ARG A 316 15.73 13.72 14.12
N ARG A 317 14.73 13.63 13.24
CA ARG A 317 14.28 14.76 12.45
CA ARG A 317 14.28 14.76 12.45
C ARG A 317 12.76 14.87 12.52
N PHE A 318 12.28 16.09 12.69
CA PHE A 318 10.85 16.38 12.61
C PHE A 318 10.45 16.47 11.15
N TRP A 319 9.28 15.93 10.81
CA TRP A 319 8.86 15.76 9.43
C TRP A 319 7.37 16.07 9.29
N PRO A 320 7.02 17.36 9.13
CA PRO A 320 5.61 17.76 9.12
C PRO A 320 4.94 17.82 7.76
N ALA A 321 5.53 17.27 6.70
CA ALA A 321 4.93 17.41 5.37
C ALA A 321 3.46 17.03 5.36
N ILE A 322 3.16 15.77 5.70
CA ILE A 322 1.78 15.30 5.70
C ILE A 322 0.97 16.00 6.79
N ASP A 323 1.55 16.14 7.98
CA ASP A 323 0.87 16.79 9.08
C ASP A 323 0.43 18.19 8.68
N ASP A 324 1.35 18.96 8.08
CA ASP A 324 1.02 20.31 7.65
C ASP A 324 -0.03 20.29 6.54
N GLY A 325 0.06 19.32 5.63
CA GLY A 325 -0.98 19.22 4.61
C GLY A 325 -2.35 19.03 5.19
N LEU A 326 -2.46 18.17 6.21
CA LEU A 326 -3.76 17.92 6.83
C LEU A 326 -4.25 19.15 7.60
N ARG A 327 -3.36 19.81 8.34
CA ARG A 327 -3.75 21.04 9.02
C ARG A 327 -4.22 22.09 8.02
N ARG A 328 -3.52 22.20 6.88
CA ARG A 328 -3.90 23.15 5.85
C ARG A 328 -5.28 22.83 5.31
N ALA A 329 -5.52 21.58 4.94
CA ALA A 329 -6.84 21.22 4.44
C ALA A 329 -7.92 21.60 5.43
N ALA A 330 -7.78 21.16 6.68
CA ALA A 330 -8.81 21.38 7.69
C ALA A 330 -9.06 22.87 7.92
N TYR A 331 -7.99 23.67 8.02
CA TYR A 331 -8.15 25.07 8.37
C TYR A 331 -8.61 25.90 7.17
N GLU A 332 -7.87 25.82 6.06
CA GLU A 332 -8.16 26.69 4.93
C GLU A 332 -9.46 26.31 4.22
N ARG A 333 -9.74 25.02 4.06
CA ARG A 333 -10.83 24.59 3.21
C ARG A 333 -11.92 23.82 3.96
N GLY A 334 -11.92 23.86 5.29
CA GLY A 334 -12.98 23.22 6.05
C GLY A 334 -13.12 21.75 5.77
N VAL A 335 -12.03 21.09 5.36
CA VAL A 335 -12.09 19.67 5.05
C VAL A 335 -12.15 18.88 6.36
N LYS A 336 -13.06 17.92 6.43
CA LYS A 336 -13.22 17.08 7.60
C LYS A 336 -12.23 15.93 7.50
N VAL A 337 -11.31 15.85 8.46
CA VAL A 337 -10.20 14.90 8.42
C VAL A 337 -10.46 13.81 9.44
N ARG A 338 -10.43 12.56 8.98
CA ARG A 338 -10.60 11.39 9.83
CA ARG A 338 -10.61 11.39 9.82
C ARG A 338 -9.35 10.54 9.74
N LEU A 339 -8.70 10.31 10.88
CA LEU A 339 -7.44 9.59 10.94
C LEU A 339 -7.63 8.31 11.75
N LEU A 340 -7.61 7.17 11.07
CA LEU A 340 -7.74 5.86 11.69
C LEU A 340 -6.36 5.22 11.74
N ILE A 341 -5.78 5.15 12.94
CA ILE A 341 -4.42 4.65 13.14
C ILE A 341 -4.49 3.32 13.86
N SER A 342 -3.72 2.34 13.41
CA SER A 342 -3.70 1.04 14.06
C SER A 342 -2.88 1.11 15.35
N CYS A 343 -3.25 0.28 16.31
CA CYS A 343 -2.55 0.19 17.59
C CYS A 343 -2.44 -1.26 18.02
N TRP A 344 -1.22 -1.69 18.30
CA TRP A 344 -0.97 -3.02 18.84
C TRP A 344 0.23 -2.93 19.78
N GLY A 345 0.71 -4.09 20.24
CA GLY A 345 1.75 -4.11 21.24
C GLY A 345 3.07 -3.52 20.79
N HIS A 346 3.31 -3.44 19.49
CA HIS A 346 4.56 -2.91 18.95
C HIS A 346 4.45 -1.47 18.49
N SER A 347 3.31 -0.82 18.72
CA SER A 347 3.13 0.55 18.26
C SER A 347 4.12 1.49 18.96
N ASP A 348 4.55 2.52 18.24
CA ASP A 348 5.41 3.53 18.82
C ASP A 348 4.59 4.40 19.77
N PRO A 349 4.90 4.46 21.06
CA PRO A 349 4.08 5.29 21.96
C PRO A 349 4.13 6.77 21.60
N SER A 350 5.26 7.25 21.09
CA SER A 350 5.37 8.66 20.72
C SER A 350 4.34 9.09 19.70
N MET A 351 3.66 8.14 19.06
CA MET A 351 2.57 8.51 18.15
C MET A 351 1.50 9.30 18.89
N ARG A 352 1.14 8.85 20.10
CA ARG A 352 0.00 9.42 20.81
C ARG A 352 0.04 10.94 20.80
N SER A 353 1.09 11.51 21.39
CA SER A 353 1.21 12.96 21.48
C SER A 353 0.89 13.61 20.12
N PHE A 354 1.58 13.17 19.07
CA PHE A 354 1.40 13.79 17.76
C PHE A 354 -0.05 13.71 17.33
N LEU A 355 -0.67 12.53 17.46
CA LEU A 355 -2.08 12.42 17.11
C LEU A 355 -2.91 13.39 17.94
N LEU A 356 -2.67 13.41 19.26
CA LEU A 356 -3.38 14.36 20.10
C LEU A 356 -3.21 15.77 19.58
N SER A 357 -1.98 16.13 19.17
CA SER A 357 -1.75 17.46 18.62
C SER A 357 -2.75 17.73 17.50
N LEU A 358 -2.82 16.82 16.53
CA LEU A 358 -3.77 17.01 15.44
C LEU A 358 -5.19 17.11 15.98
N ALA A 359 -5.55 16.21 16.89
CA ALA A 359 -6.89 16.21 17.44
C ALA A 359 -7.21 17.52 18.14
N ALA A 360 -6.20 18.23 18.62
CA ALA A 360 -6.45 19.49 19.32
C ALA A 360 -7.00 20.56 18.40
N LEU A 361 -6.89 20.40 17.08
CA LEU A 361 -7.36 21.41 16.16
C LEU A 361 -8.87 21.37 15.95
N HIS A 362 -9.54 20.33 16.42
CA HIS A 362 -11.00 20.26 16.34
C HIS A 362 -11.59 21.33 17.25
N ASP A 363 -12.12 22.40 16.66
CA ASP A 363 -12.50 23.58 17.43
C ASP A 363 -13.72 24.22 16.79
N ASN A 364 -14.52 24.90 17.62
CA ASN A 364 -15.71 25.58 17.13
C ASN A 364 -15.36 26.88 16.40
N HIS A 365 -14.40 27.64 16.92
CA HIS A 365 -14.10 28.95 16.34
C HIS A 365 -13.40 28.81 14.99
N THR A 366 -12.41 27.92 14.90
CA THR A 366 -11.71 27.71 13.64
C THR A 366 -12.59 26.99 12.62
N HIS A 367 -13.66 26.34 13.06
CA HIS A 367 -14.48 25.47 12.21
C HIS A 367 -13.69 24.30 11.67
N SER A 368 -12.54 24.00 12.27
CA SER A 368 -11.71 22.90 11.84
C SER A 368 -12.23 21.60 12.43
N ASP A 369 -12.23 20.54 11.62
CA ASP A 369 -12.82 19.25 11.98
C ASP A 369 -11.79 18.15 11.73
N ILE A 370 -11.03 17.80 12.76
CA ILE A 370 -10.06 16.72 12.70
C ILE A 370 -10.36 15.74 13.83
N GLN A 371 -10.53 14.47 13.49
CA GLN A 371 -10.83 13.42 14.46
C GLN A 371 -9.86 12.28 14.28
N VAL A 372 -9.46 11.67 15.39
CA VAL A 372 -8.48 10.59 15.41
C VAL A 372 -9.08 9.41 16.18
N LYS A 373 -8.98 8.22 15.60
CA LYS A 373 -9.41 6.99 16.26
C LYS A 373 -8.34 5.92 16.09
N LEU A 374 -8.34 4.98 17.03
CA LEU A 374 -7.39 3.88 17.04
C LEU A 374 -8.13 2.58 16.72
N PHE A 375 -7.67 1.90 15.67
CA PHE A 375 -8.23 0.61 15.27
C PHE A 375 -7.40 -0.49 15.92
N VAL A 376 -8.06 -1.34 16.71
CA VAL A 376 -7.41 -2.42 17.44
C VAL A 376 -8.03 -3.73 16.99
N VAL A 377 -7.18 -4.73 16.76
CA VAL A 377 -7.60 -6.07 16.39
C VAL A 377 -7.62 -6.92 17.66
N PRO A 378 -8.78 -7.39 18.12
CA PRO A 378 -8.81 -8.22 19.32
C PRO A 378 -8.01 -9.52 19.13
N THR A 379 -7.39 -9.96 20.20
CA THR A 379 -6.57 -11.16 20.19
C THR A 379 -7.10 -12.17 21.21
N ASP A 380 -7.01 -13.45 20.87
CA ASP A 380 -7.28 -14.54 21.78
C ASP A 380 -5.97 -15.09 22.33
N GLU A 381 -6.06 -15.86 23.41
CA GLU A 381 -4.88 -16.49 23.95
C GLU A 381 -4.25 -17.44 22.95
N SER A 382 -5.07 -18.08 22.10
CA SER A 382 -4.53 -18.93 21.05
C SER A 382 -3.93 -18.11 19.91
N GLN A 383 -4.51 -16.95 19.62
CA GLN A 383 -3.91 -16.06 18.63
C GLN A 383 -2.69 -15.34 19.16
N ALA A 384 -2.58 -15.19 20.48
CA ALA A 384 -1.45 -14.47 21.06
C ALA A 384 -0.13 -15.19 20.83
N ARG A 385 -0.16 -16.52 20.66
CA ARG A 385 1.07 -17.23 20.35
C ARG A 385 1.52 -16.96 18.92
N ILE A 386 0.59 -16.65 18.02
CA ILE A 386 0.93 -16.32 16.64
C ILE A 386 1.81 -15.07 16.67
N PRO A 387 3.09 -15.15 16.32
CA PRO A 387 3.96 -13.98 16.44
C PRO A 387 3.59 -12.89 15.43
N TYR A 388 3.63 -11.65 15.90
CA TYR A 388 3.50 -10.46 15.05
C TYR A 388 2.25 -10.53 14.18
N ALA A 389 1.10 -10.51 14.83
CA ALA A 389 -0.18 -10.59 14.14
C ALA A 389 -1.22 -9.81 14.93
N ARG A 390 -2.45 -9.80 14.42
CA ARG A 390 -3.58 -9.10 15.03
C ARG A 390 -3.32 -7.59 15.08
N VAL A 391 -3.20 -7.02 13.88
CA VAL A 391 -3.05 -5.57 13.73
C VAL A 391 -3.61 -5.19 12.36
N ASN A 392 -4.15 -3.98 12.27
CA ASN A 392 -4.66 -3.48 11.00
C ASN A 392 -3.51 -2.89 10.20
N HIS A 393 -3.32 -3.41 8.98
CA HIS A 393 -2.15 -3.12 8.17
C HIS A 393 -2.44 -2.23 6.97
N ASN A 394 -3.67 -1.75 6.83
CA ASN A 394 -4.05 -0.98 5.65
C ASN A 394 -3.26 0.32 5.56
N LYS A 395 -3.01 0.77 4.33
CA LYS A 395 -2.35 2.05 4.05
C LYS A 395 -3.06 2.68 2.85
N TYR A 396 -4.07 3.51 3.13
CA TYR A 396 -4.85 4.09 2.06
C TYR A 396 -5.49 5.39 2.52
N MET A 397 -5.92 6.18 1.53
CA MET A 397 -6.60 7.44 1.76
C MET A 397 -7.65 7.62 0.66
N VAL A 398 -8.79 8.19 1.04
CA VAL A 398 -9.87 8.46 0.10
C VAL A 398 -10.49 9.81 0.43
N THR A 399 -10.77 10.57 -0.61
CA THR A 399 -11.47 11.84 -0.50
C THR A 399 -12.76 11.76 -1.29
N GLU A 400 -13.43 12.90 -1.45
CA GLU A 400 -14.64 12.94 -2.27
C GLU A 400 -14.33 12.92 -3.76
N ARG A 401 -13.06 13.05 -4.15
CA ARG A 401 -12.69 13.10 -5.56
C ARG A 401 -11.66 12.06 -5.99
N ALA A 402 -10.92 11.45 -5.07
CA ALA A 402 -9.76 10.65 -5.49
C ALA A 402 -9.53 9.51 -4.51
N SER A 403 -8.83 8.50 -5.01
CA SER A 403 -8.42 7.34 -4.23
C SER A 403 -6.90 7.18 -4.29
N TYR A 404 -6.30 6.88 -3.14
CA TYR A 404 -4.86 6.67 -3.00
C TYR A 404 -4.66 5.37 -2.23
N ILE A 405 -3.99 4.39 -2.85
CA ILE A 405 -3.71 3.11 -2.21
C ILE A 405 -2.20 2.91 -2.23
N GLY A 406 -1.58 2.79 -1.05
CA GLY A 406 -0.15 2.76 -0.94
C GLY A 406 0.37 1.50 -0.27
N THR A 407 1.70 1.37 -0.28
CA THR A 407 2.40 0.30 0.40
C THR A 407 3.14 0.78 1.64
N SER A 408 3.13 2.07 1.91
CA SER A 408 3.99 2.68 2.91
C SER A 408 3.17 3.20 4.08
N ASN A 409 3.72 3.06 5.28
CA ASN A 409 3.20 3.80 6.43
C ASN A 409 3.59 5.26 6.29
N TRP A 410 2.89 6.11 7.04
CA TRP A 410 2.99 7.56 6.86
C TRP A 410 3.97 8.15 7.86
N SER A 411 5.24 7.82 7.65
CA SER A 411 6.35 8.45 8.35
C SER A 411 7.43 8.80 7.34
N GLY A 412 8.36 9.66 7.76
CA GLY A 412 9.25 10.31 6.81
C GLY A 412 10.08 9.34 6.00
N SER A 413 10.66 8.32 6.64
CA SER A 413 11.56 7.43 5.94
C SER A 413 10.91 6.83 4.70
N TYR A 414 9.66 6.39 4.84
CA TYR A 414 8.97 5.71 3.74
C TYR A 414 8.88 6.57 2.49
N PHE A 415 9.03 7.89 2.62
CA PHE A 415 8.91 8.78 1.48
C PHE A 415 10.23 9.39 1.06
N THR A 416 11.32 9.13 1.78
CA THR A 416 12.61 9.71 1.44
C THR A 416 13.70 8.69 1.19
N GLU A 417 13.65 7.52 1.83
CA GLU A 417 14.74 6.56 1.74
C GLU A 417 14.26 5.16 1.36
N THR A 418 13.03 4.84 1.73
CA THR A 418 12.51 3.49 1.60
C THR A 418 11.63 3.35 0.37
N ALA A 419 11.67 2.17 -0.23
CA ALA A 419 10.94 1.92 -1.47
C ALA A 419 9.45 1.76 -1.20
N GLY A 420 8.64 2.39 -2.06
CA GLY A 420 7.20 2.27 -1.94
C GLY A 420 6.53 2.67 -3.24
N THR A 421 5.29 2.23 -3.40
CA THR A 421 4.51 2.55 -4.57
C THR A 421 3.08 2.86 -4.16
N SER A 422 2.42 3.72 -4.93
CA SER A 422 1.04 4.06 -4.68
C SER A 422 0.29 4.17 -6.00
N LEU A 423 -0.98 3.79 -5.96
CA LEU A 423 -1.90 3.94 -7.09
C LEU A 423 -2.86 5.08 -6.77
N LEU A 424 -2.99 5.99 -7.72
CA LEU A 424 -3.89 7.13 -7.59
C LEU A 424 -4.90 7.08 -8.73
N VAL A 425 -6.19 7.14 -8.36
CA VAL A 425 -7.27 7.09 -9.34
C VAL A 425 -8.26 8.21 -9.05
N THR A 426 -8.67 8.93 -10.08
CA THR A 426 -9.75 9.90 -10.00
C THR A 426 -10.79 9.56 -11.06
N GLN A 427 -12.07 9.54 -10.72
CA GLN A 427 -13.17 9.18 -11.64
C GLN A 427 -14.33 10.16 -11.44
N ASN A 428 -14.77 10.87 -12.47
CA ASN A 428 -15.76 11.98 -12.35
C ASN A 428 -17.12 11.53 -11.80
N GLY A 429 -17.51 10.27 -11.97
CA GLY A 429 -18.80 9.76 -11.47
C GLY A 429 -18.90 9.79 -9.96
N HIS A 430 -19.99 9.28 -9.39
CA HIS A 430 -20.22 9.31 -7.92
C HIS A 430 -20.11 7.90 -7.34
N GLY A 431 -20.14 6.81 -8.13
CA GLY A 431 -19.91 5.46 -7.67
C GLY A 431 -18.45 5.08 -7.83
N GLY A 432 -18.19 3.85 -8.26
CA GLY A 432 -16.84 3.46 -8.63
C GLY A 432 -15.99 2.98 -7.47
N LEU A 433 -14.70 2.85 -7.77
CA LEU A 433 -13.73 2.38 -6.78
C LEU A 433 -13.63 3.35 -5.61
N ARG A 434 -13.74 4.66 -5.89
CA ARG A 434 -13.66 5.64 -4.81
C ARG A 434 -14.76 5.42 -3.77
N SER A 435 -15.99 5.16 -4.24
CA SER A 435 -17.08 4.91 -3.31
C SER A 435 -16.85 3.64 -2.51
N GLN A 436 -16.30 2.60 -3.15
CA GLN A 436 -16.00 1.37 -2.42
C GLN A 436 -14.98 1.62 -1.32
N LEU A 437 -13.94 2.41 -1.63
CA LEU A 437 -12.95 2.75 -0.61
C LEU A 437 -13.57 3.54 0.53
N GLU A 438 -14.43 4.50 0.20
CA GLU A 438 -15.10 5.27 1.24
C GLU A 438 -15.96 4.38 2.12
N ALA A 439 -16.68 3.44 1.51
CA ALA A 439 -17.51 2.52 2.27
C ALA A 439 -16.66 1.65 3.19
N VAL A 440 -15.52 1.16 2.70
CA VAL A 440 -14.63 0.38 3.55
C VAL A 440 -14.18 1.20 4.74
N PHE A 441 -13.76 2.44 4.49
CA PHE A 441 -13.27 3.27 5.59
C PHE A 441 -14.38 3.54 6.60
N LEU A 442 -15.59 3.86 6.13
CA LEU A 442 -16.68 4.16 7.05
C LEU A 442 -17.06 2.92 7.86
N ARG A 443 -17.05 1.75 7.23
CA ARG A 443 -17.30 0.51 7.96
C ARG A 443 -16.28 0.32 9.07
N ASP A 444 -14.99 0.47 8.75
CA ASP A 444 -13.97 0.31 9.78
C ASP A 444 -14.07 1.39 10.85
N TRP A 445 -14.48 2.60 10.46
CA TRP A 445 -14.53 3.73 11.38
C TRP A 445 -15.65 3.56 12.39
N GLU A 446 -16.84 3.15 11.94
CA GLU A 446 -17.97 2.98 12.83
C GLU A 446 -17.97 1.62 13.54
N SER A 447 -17.04 0.74 13.19
CA SER A 447 -17.00 -0.58 13.80
C SER A 447 -16.59 -0.49 15.27
N PRO A 448 -16.96 -1.48 16.09
CA PRO A 448 -16.57 -1.46 17.51
C PRO A 448 -15.07 -1.60 17.73
N TYR A 449 -14.28 -1.87 16.69
CA TYR A 449 -12.84 -2.00 16.83
C TYR A 449 -12.11 -0.66 16.82
N SER A 450 -12.81 0.43 16.51
CA SER A 450 -12.23 1.76 16.51
C SER A 450 -12.61 2.49 17.80
N HIS A 451 -11.62 3.07 18.46
CA HIS A 451 -11.82 3.71 19.76
C HIS A 451 -11.12 5.07 19.79
N ASP A 452 -11.66 5.96 20.60
CA ASP A 452 -11.08 7.29 20.78
C ASP A 452 -9.82 7.22 21.63
N LEU A 453 -9.07 8.32 21.64
CA LEU A 453 -7.77 8.34 22.32
C LEU A 453 -7.91 8.33 23.84
N ASP A 454 -9.09 8.64 24.37
CA ASP A 454 -9.32 8.59 25.81
C ASP A 454 -9.81 7.24 26.29
N THR A 455 -9.96 6.26 25.39
CA THR A 455 -10.45 4.95 25.76
C THR A 455 -9.45 4.25 26.69
N SER A 456 -9.98 3.42 27.58
CA SER A 456 -9.15 2.65 28.49
C SER A 456 -8.50 1.48 27.76
N ALA A 457 -7.29 1.12 28.18
CA ALA A 457 -6.55 0.04 27.54
C ALA A 457 -7.21 -1.32 27.75
N ASN A 458 -8.13 -1.43 28.72
CA ASN A 458 -8.77 -2.69 29.02
C ASN A 458 -10.02 -2.95 28.18
N SER A 459 -10.50 -1.96 27.44
CA SER A 459 -11.74 -2.07 26.68
C SER A 459 -11.50 -2.24 25.19
N VAL A 460 -10.27 -2.51 24.76
CA VAL A 460 -9.95 -2.61 23.35
C VAL A 460 -9.70 -4.05 22.89
N GLY A 461 -9.45 -4.99 23.81
CA GLY A 461 -9.27 -6.37 23.45
C GLY A 461 -7.89 -6.76 23.00
N ASN A 462 -6.89 -5.89 23.16
CA ASN A 462 -5.52 -6.21 22.77
C ASN A 462 -4.60 -5.16 23.37
N ALA A 463 -3.31 -5.48 23.41
CA ALA A 463 -2.32 -4.53 23.88
C ALA A 463 -2.31 -3.31 22.97
N CYS A 464 -2.27 -2.12 23.59
CA CYS A 464 -2.28 -0.86 22.85
C CYS A 464 -1.43 0.14 23.62
N ARG A 465 -0.22 0.40 23.13
CA ARG A 465 0.68 1.30 23.83
C ARG A 465 0.22 2.74 23.78
N LEU A 466 -0.73 3.07 22.91
CA LEU A 466 -1.23 4.43 22.76
C LEU A 466 -2.42 4.73 23.67
N LEU A 467 -2.84 3.76 24.48
CA LEU A 467 -3.98 3.96 25.37
C LEU A 467 -3.60 3.58 26.80
C1 NAG B . 7.49 -27.98 7.46
C2 NAG B . 7.12 -28.49 6.07
C3 NAG B . 6.71 -29.96 6.15
C4 NAG B . 7.81 -30.78 6.84
C5 NAG B . 8.19 -30.15 8.17
C6 NAG B . 9.37 -30.83 8.82
C7 NAG B . 6.25 -26.81 4.51
C8 NAG B . 5.03 -26.07 4.04
N2 NAG B . 6.05 -27.70 5.49
O3 NAG B . 6.49 -30.46 4.83
O4 NAG B . 7.34 -32.11 7.08
O5 NAG B . 8.55 -28.77 7.99
O6 NAG B . 10.57 -30.57 8.10
O7 NAG B . 7.36 -26.61 4.04
H2 NAG B . 7.90 -28.42 5.50
H3 NAG B . 5.89 -30.05 6.67
H4 NAG B . 8.59 -30.81 6.26
H5 NAG B . 7.43 -30.20 8.78
H61 NAG B . 9.22 -31.79 8.86
H62 NAG B . 9.47 -30.49 9.74
H81 NAG B . 5.27 -25.50 3.30
H82 NAG B . 4.68 -25.54 4.77
H83 NAG B . 4.36 -26.72 3.74
HN2 NAG B . 5.20 -27.82 5.80
HO3 NAG B . 5.75 -30.95 4.81
HO6 NAG B . 10.51 -29.79 7.69
C1 NAG B . 7.36 -32.89 5.86
C2 NAG B . 7.86 -34.30 6.17
C3 NAG B . 7.87 -35.14 4.91
C4 NAG B . 6.51 -35.11 4.23
C5 NAG B . 6.03 -33.67 4.04
C6 NAG B . 4.62 -33.58 3.52
C7 NAG B . 9.42 -34.54 8.06
C8 NAG B . 10.85 -34.46 8.50
N2 NAG B . 9.19 -34.26 6.77
O3 NAG B . 8.21 -36.48 5.24
O4 NAG B . 6.59 -35.74 2.96
O5 NAG B . 6.06 -32.96 5.28
O6 NAG B . 3.93 -32.45 4.05
O7 NAG B . 8.53 -34.86 8.83
H2 NAG B . 7.25 -34.69 6.81
H3 NAG B . 8.53 -34.78 4.29
H4 NAG B . 5.86 -35.58 4.80
H5 NAG B . 6.62 -33.23 3.40
H61 NAG B . 4.13 -34.39 3.78
H62 NAG B . 4.62 -33.51 2.54
H81 NAG B . 10.92 -34.66 9.45
H82 NAG B . 11.19 -33.56 8.33
H83 NAG B . 11.39 -35.10 7.99
HN2 NAG B . 9.90 -34.02 6.24
HO3 NAG B . 8.14 -36.99 4.52
HO6 NAG B . 4.21 -32.31 4.88
C1 BMA B . 5.68 -36.85 2.87
C2 BMA B . 4.75 -36.60 1.65
C3 BMA B . 3.94 -37.85 1.30
C4 BMA B . 4.82 -39.09 1.27
C5 BMA B . 5.57 -39.23 2.60
C6 BMA B . 6.48 -40.45 2.64
O2 BMA B . 5.51 -36.27 0.49
O3 BMA B . 3.25 -37.70 0.07
O4 BMA B . 4.01 -40.25 1.07
O5 BMA B . 6.39 -38.07 2.75
O6 BMA B . 5.80 -41.53 2.01
H2 BMA B . 4.06 -35.78 1.91
H3 BMA B . 3.16 -38.01 2.07
H4 BMA B . 5.55 -38.98 0.47
H5 BMA B . 4.85 -39.30 3.43
H61 BMA B . 6.69 -40.69 3.70
H62 BMA B . 7.42 -40.21 2.14
HO2 BMA B . 4.92 -36.41 -0.26
HO3 BMA B . 2.76 -38.53 -0.06
HO4 BMA B . 4.61 -40.91 0.68
HO6 BMA B . 6.37 -42.30 2.04
C1 NAG C . -10.63 -9.65 -18.06
C2 NAG C . -12.08 -9.70 -17.56
C3 NAG C . -12.62 -11.14 -17.63
C4 NAG C . -12.43 -11.70 -19.03
C5 NAG C . -10.96 -11.59 -19.44
C6 NAG C . -10.71 -12.04 -20.86
C7 NAG C . -11.58 -9.75 -15.16
C8 NAG C . -11.83 -9.09 -13.83
N2 NAG C . -12.20 -9.19 -16.20
O3 NAG C . -13.99 -11.13 -17.28
O4 NAG C . -12.82 -13.07 -19.06
O5 NAG C . -10.54 -10.23 -19.36
O6 NAG C . -11.44 -11.24 -21.79
O7 NAG C . -10.86 -10.74 -15.27
H2 NAG C . -12.62 -9.15 -18.15
H3 NAG C . -12.12 -11.69 -17.00
H4 NAG C . -12.98 -11.20 -19.66
H5 NAG C . -10.42 -12.13 -18.84
H61 NAG C . -11.00 -12.97 -20.96
H62 NAG C . -9.76 -11.97 -21.06
H81 NAG C . -11.36 -9.60 -13.13
H82 NAG C . -12.78 -9.08 -13.64
H83 NAG C . -11.49 -8.18 -13.85
HN2 NAG C . -12.71 -8.45 -16.06
HO3 NAG C . -14.26 -11.97 -17.16
HO6 NAG C . -11.57 -10.43 -21.44
C1 NAG C . -14.15 -13.18 -19.63
C2 NAG C . -14.29 -14.57 -20.26
C3 NAG C . -15.70 -14.75 -20.81
C4 NAG C . -16.73 -14.47 -19.73
C5 NAG C . -16.50 -13.09 -19.12
C6 NAG C . -17.42 -12.78 -17.97
C7 NAG C . -12.18 -15.46 -21.15
C8 NAG C . -11.29 -15.55 -22.35
N2 NAG C . -13.31 -14.76 -21.31
O3 NAG C . -15.85 -16.09 -21.29
O4 NAG C . -18.04 -14.53 -20.27
O5 NAG C . -15.15 -13.00 -18.62
O6 NAG C . -16.95 -13.35 -16.76
O7 NAG C . -11.91 -16.00 -20.09
H2 NAG C . -14.14 -15.23 -19.57
H3 NAG C . -15.84 -14.14 -21.55
H4 NAG C . -16.65 -15.15 -19.02
H5 NAG C . -16.61 -12.42 -19.82
H61 NAG C . -18.31 -13.14 -18.17
H62 NAG C . -17.48 -11.81 -17.87
H81 NAG C . -10.50 -16.07 -22.13
H82 NAG C . -11.02 -14.66 -22.62
H83 NAG C . -11.76 -15.99 -23.08
HN2 NAG C . -13.46 -14.37 -22.13
HO3 NAG C . -16.68 -16.21 -21.56
HO4 NAG C . -18.61 -14.86 -19.67
HO6 NAG C . -16.06 -13.38 -16.78
C1 NAG D . -15.43 -3.37 -11.54
C2 NAG D . -16.28 -3.33 -10.26
C3 NAG D . -15.82 -4.40 -9.30
C4 NAG D . -15.84 -5.76 -9.97
C5 NAG D . -15.01 -5.72 -11.26
C6 NAG D . -15.08 -7.01 -12.05
C7 NAG D . -17.28 -1.20 -9.54
C8 NAG D . -17.03 0.12 -8.87
N2 NAG D . -16.22 -2.01 -9.65
O3 NAG D . -16.68 -4.41 -8.16
O4 NAG D . -15.29 -6.75 -9.09
O5 NAG D . -15.50 -4.68 -12.13
O6 NAG D . -16.36 -7.19 -12.64
O7 NAG D . -18.39 -1.52 -9.96
H2 NAG D . -17.20 -3.51 -10.52
H3 NAG D . -14.91 -4.20 -9.00
H4 NAG D . -16.75 -6.00 -10.20
H5 NAG D . -14.08 -5.53 -11.03
H61 NAG D . -14.89 -7.76 -11.45
H62 NAG D . -14.40 -6.98 -12.76
H81 NAG D . -17.87 0.62 -8.83
H82 NAG D . -16.38 0.62 -9.39
H83 NAG D . -16.69 -0.03 -7.97
HN2 NAG D . -15.42 -1.73 -9.32
HO3 NAG D . -16.29 -4.84 -7.49
HO6 NAG D . -16.89 -6.53 -12.40
C1 NAG D . -16.38 -7.43 -8.45
C2 NAG D . -15.90 -8.82 -8.04
C3 NAG D . -17.02 -9.58 -7.34
C4 NAG D . -17.57 -8.77 -6.17
C5 NAG D . -17.94 -7.36 -6.63
C6 NAG D . -18.34 -6.46 -5.49
C7 NAG D . -14.16 -9.99 -9.33
C8 NAG D . -13.84 -10.73 -10.59
N2 NAG D . -15.42 -9.55 -9.20
O3 NAG D . -16.53 -10.82 -6.87
O4 NAG D . -18.71 -9.40 -5.63
O5 NAG D . -16.84 -6.73 -7.28
O6 NAG D . -17.27 -6.28 -4.57
O7 NAG D . -13.32 -9.79 -8.45
H2 NAG D . -15.16 -8.72 -7.42
H3 NAG D . -17.74 -9.74 -7.98
H4 NAG D . -16.87 -8.70 -5.49
H5 NAG D . -18.69 -7.42 -7.26
H61 NAG D . -19.10 -6.85 -5.01
H62 NAG D . -18.61 -5.59 -5.83
H81 NAG D . -12.90 -11.00 -10.58
H82 NAG D . -14.02 -10.16 -11.35
H83 NAG D . -14.40 -11.53 -10.64
HN2 NAG D . -16.01 -9.74 -9.87
HO3 NAG D . -16.77 -10.95 -6.03
HO6 NAG D . -16.51 -6.16 -5.02
C1 BMA D . -18.52 -9.61 -4.21
C2 BMA D . -19.90 -9.87 -3.56
C3 BMA D . -19.71 -10.21 -2.08
C4 BMA D . -18.65 -11.30 -1.87
C5 BMA D . -17.35 -10.93 -2.60
C6 BMA D . -16.31 -12.03 -2.54
O2 BMA D . -20.54 -10.99 -4.17
O3 BMA D . -20.95 -10.62 -1.48
O4 BMA D . -18.39 -11.47 -0.49
O5 BMA D . -17.63 -10.70 -3.99
O6 BMA D . -16.84 -13.14 -3.24
H2 BMA D . -20.53 -8.98 -3.67
H3 BMA D . -19.39 -9.31 -1.54
H4 BMA D . -19.03 -12.23 -2.34
H5 BMA D . -16.93 -10.01 -2.15
H61 BMA D . -16.12 -12.27 -1.48
H62 BMA D . -15.37 -11.66 -2.99
HO2 BMA D . -20.97 -11.47 -3.44
HO4 BMA D . -18.04 -12.38 -0.40
C1 MAN D . -15.86 -14.20 -3.27
C2 MAN D . -16.43 -15.29 -4.21
C3 MAN D . -17.67 -15.91 -3.58
C4 MAN D . -17.36 -16.41 -2.16
C5 MAN D . -16.81 -15.25 -1.31
C6 MAN D . -16.38 -15.68 0.08
O2 MAN D . -15.51 -16.37 -4.37
O3 MAN D . -18.21 -16.96 -4.39
O4 MAN D . -18.55 -16.92 -1.55
O5 MAN D . -15.65 -14.71 -1.96
O6 MAN D . -15.83 -16.99 -0.01
H2 MAN D . -16.67 -14.85 -5.18
H3 MAN D . -18.47 -15.15 -3.50
H4 MAN D . -16.59 -17.19 -2.24
H5 MAN D . -17.58 -14.48 -1.21
H61 MAN D . -17.27 -15.66 0.74
H62 MAN D . -15.65 -14.95 0.46
HO2 MAN D . -16.00 -17.20 -4.42
HO4 MAN D . -18.23 -17.45 -0.80
C1 MAN D . -19.60 -16.72 -4.67
C2 MAN D . -20.11 -17.92 -5.54
C3 MAN D . -19.58 -17.80 -6.97
C4 MAN D . -19.90 -16.40 -7.54
C5 MAN D . -19.27 -15.34 -6.65
C6 MAN D . -19.57 -13.92 -7.11
O2 MAN D . -21.53 -17.93 -5.65
O3 MAN D . -20.12 -18.80 -7.82
O4 MAN D . -19.37 -16.29 -8.86
O5 MAN D . -19.81 -15.47 -5.31
O6 MAN D . -18.40 -13.41 -7.74
H2 MAN D . -19.75 -18.86 -5.10
H3 MAN D . -18.50 -17.93 -6.98
H4 MAN D . -20.99 -16.26 -7.55
H5 MAN D . -18.19 -15.49 -6.63
H61 MAN D . -19.85 -13.32 -6.24
H62 MAN D . -20.42 -13.95 -7.81
HO2 MAN D . -21.78 -18.30 -6.50
HO3 MAN D . -20.00 -18.48 -8.73
HO4 MAN D . -19.87 -15.57 -9.27
HO6 MAN D . -18.60 -12.51 -8.03
C1 MAN D . -15.14 -17.33 1.20
C2 MAN D . -14.55 -18.73 0.98
C3 MAN D . -15.70 -19.70 0.77
C4 MAN D . -16.69 -19.65 1.94
C5 MAN D . -17.16 -18.20 2.19
C6 MAN D . -17.96 -18.06 3.48
O2 MAN D . -13.85 -19.20 2.13
O3 MAN D . -15.24 -21.04 0.59
O4 MAN D . -17.82 -20.46 1.67
O5 MAN D . -16.02 -17.32 2.30
O6 MAN D . -19.25 -18.61 3.26
H2 MAN D . -13.89 -18.72 0.10
H3 MAN D . -16.24 -19.45 -0.14
H4 MAN D . -16.16 -19.98 2.85
H5 MAN D . -17.78 -17.89 1.34
H61 MAN D . -18.01 -16.99 3.74
H62 MAN D . -17.42 -18.58 4.28
HO2 MAN D . -13.90 -20.16 2.16
HO3 MAN D . -16.03 -21.57 0.41
HO4 MAN D . -18.58 -19.86 1.66
HO6 MAN D . -19.74 -18.53 4.09
C1 MAN D . -21.57 -9.47 -0.85
C2 MAN D . -21.54 -9.70 0.70
C3 MAN D . -22.59 -10.70 1.14
C4 MAN D . -23.96 -10.40 0.50
C5 MAN D . -23.80 -10.37 -1.02
C6 MAN D . -25.11 -10.09 -1.74
O2 MAN D . -21.84 -8.49 1.41
O3 MAN D . -22.73 -10.74 2.57
O4 MAN D . -24.89 -11.41 0.85
O5 MAN D . -22.89 -9.30 -1.34
O6 MAN D . -25.74 -8.98 -1.14
H2 MAN D . -20.54 -10.07 0.97
H3 MAN D . -22.29 -11.71 0.82
H4 MAN D . -24.30 -9.41 0.85
H5 MAN D . -23.40 -11.33 -1.37
H61 MAN D . -25.73 -11.00 -1.69
H62 MAN D . -24.88 -9.90 -2.81
HO2 MAN D . -22.10 -8.71 2.31
HO3 MAN D . -23.40 -11.41 2.75
HO4 MAN D . -25.77 -10.99 0.78
HO6 MAN D . -26.59 -8.86 -1.57
C1 EDO E . -7.33 -13.73 -15.79
O1 EDO E . -8.55 -13.05 -16.09
C2 EDO E . -6.71 -13.12 -14.53
O2 EDO E . -6.71 -14.08 -13.48
H11 EDO E . -6.64 -13.63 -16.62
H12 EDO E . -7.53 -14.79 -15.62
HO1 EDO E . -8.95 -13.44 -16.89
H21 EDO E . -7.27 -12.23 -14.23
H22 EDO E . -5.68 -12.81 -14.75
HO2 EDO E . -6.31 -13.69 -12.68
C1 EDO F . 6.15 14.01 -12.16
O1 EDO F . 4.95 14.51 -11.57
C2 EDO F . 7.33 14.92 -11.84
O2 EDO F . 7.42 15.13 -10.43
H11 EDO F . 6.03 13.94 -13.25
H12 EDO F . 6.35 13.00 -11.79
HO1 EDO F . 4.19 14.00 -11.88
H21 EDO F . 7.20 15.88 -12.34
H22 EDO F . 8.25 14.47 -12.20
HO2 EDO F . 8.16 15.72 -10.23
C ACT G . 16.34 -11.51 -16.37
O ACT G . 17.14 -11.32 -15.41
OXT ACT G . 16.24 -12.52 -17.14
CH3 ACT G . 15.31 -10.37 -16.67
H1 ACT G . 15.52 -9.97 -17.53
H2 ACT G . 15.37 -9.69 -15.98
H3 ACT G . 14.41 -10.74 -16.70
N CYS H . -16.55 2.50 -21.97
CA CYS H . -16.20 3.55 -22.91
C CYS H . -16.10 2.98 -24.33
O CYS H . -16.42 3.66 -25.31
CB CYS H . -14.87 4.20 -22.51
SG CYS H . -14.49 4.09 -20.75
OXT CYS H . -15.68 1.84 -24.52
HA CYS H . -16.88 4.23 -22.90
HB2 CYS H . -14.15 3.76 -23.00
HB3 CYS H . -14.91 5.14 -22.75
C1 EDO I . 0.69 26.22 4.94
O1 EDO I . 0.94 24.84 4.62
C2 EDO I . 0.33 27.00 3.68
O2 EDO I . -1.07 27.28 3.66
H11 EDO I . 1.59 26.66 5.40
H12 EDO I . -0.12 26.30 5.66
HO1 EDO I . 1.20 24.37 5.42
H21 EDO I . 0.60 26.42 2.80
H22 EDO I . 0.89 27.94 3.66
HO2 EDO I . -1.29 27.82 2.90
O1 TLA J . 6.13 -1.78 10.84
O11 TLA J . 5.71 -3.92 10.88
C1 TLA J . 5.99 -2.87 10.24
C2 TLA J . 6.15 -2.93 8.72
O2 TLA J . 6.58 -1.67 8.24
C3 TLA J . 4.81 -3.28 8.09
O3 TLA J . 4.02 -2.11 8.00
C4 TLA J . 5.00 -3.87 6.70
O4 TLA J . 5.75 -4.86 6.53
O41 TLA J . 4.40 -3.37 5.71
H2 TLA J . 6.82 -3.59 8.48
HA TLA J . 5.90 -1.22 8.00
H3 TLA J . 4.36 -3.93 8.65
HB TLA J . 3.27 -2.25 8.38
#